data_8EF2
#
_entry.id   8EF2
#
_cell.length_a   41.235
_cell.length_b   118.672
_cell.length_c   119.515
_cell.angle_alpha   90.000
_cell.angle_beta   90.000
_cell.angle_gamma   90.000
#
_symmetry.space_group_name_H-M   'P 21 21 21'
#
loop_
_entity.id
_entity.type
_entity.pdbx_description
1 polymer 'rhMZ107-B antibody heavy chain'
2 polymer 'rhMZ107-B antibody light chain'
3 non-polymer 'PHOSPHATE ION'
4 water water
#
loop_
_entity_poly.entity_id
_entity_poly.type
_entity_poly.pdbx_seq_one_letter_code
_entity_poly.pdbx_strand_id
1 'polypeptide(L)'
;QVQLQESGPGLVKPSETLSLTCAVSGYSISSGYYWGWIRQPPGKGLEYIGYISGSSGSTYYNPSLKSRVTISKDTSKNQF
SLKLSSVTAADTAVYYCARRDRVGSYPYYYGLDSWGQGVLVTVSSASTKGPSVFPLAPSSRSTSESTAALGCLVKDYFPE
PVTVSWNSGSLTSGVHTFPAVLQSSGLYSLSSVVTVPSSSLGTQTYVCNVNHKPSNTKVDKRVEIKTC
;
H
2 'polypeptide(L)'
;QSVLTQPPSLSASPGASARLPCTLSSDLSVGSKNMYWYQQKPGSAPRLFLYYYSDSDKQLGPGVPNRVSGSKETSSNTAF
LLISGLQPEDEADYYCQVYDGSANDVFGSGTKLTVLGQPKAAPSVTLFPPSSEELQANKATLVCLISDFYPGAVEVAWKA
DGSAVNAGVETTKPSKQSNNKYAASSYLSLTSDQWKSHKSYSCQVTHEGSTVEKTVAPAE
;
L
#
loop_
_chem_comp.id
_chem_comp.type
_chem_comp.name
_chem_comp.formula
PO4 non-polymer 'PHOSPHATE ION' 'O4 P -3'
#
# COMPACT_ATOMS: atom_id res chain seq x y z
N VAL A 2 -22.39 -2.79 -7.63
CA VAL A 2 -22.15 -2.85 -6.19
C VAL A 2 -21.06 -1.92 -5.72
N GLN A 3 -21.30 -1.29 -4.57
CA GLN A 3 -20.26 -0.62 -3.80
C GLN A 3 -20.12 -1.34 -2.47
N LEU A 4 -18.87 -1.58 -2.06
CA LEU A 4 -18.55 -2.20 -0.77
C LEU A 4 -17.85 -1.19 0.12
N GLN A 5 -18.48 -0.85 1.23
CA GLN A 5 -18.01 0.17 2.14
C GLN A 5 -17.61 -0.50 3.45
N GLU A 6 -16.34 -0.45 3.77
CA GLU A 6 -15.75 -1.21 4.86
C GLU A 6 -15.53 -0.30 6.06
N SER A 7 -15.70 -0.86 7.26
CA SER A 7 -15.45 -0.10 8.48
C SER A 7 -15.10 -1.06 9.62
N GLY A 8 -14.58 -0.48 10.69
CA GLY A 8 -14.20 -1.23 11.86
C GLY A 8 -12.85 -0.78 12.40
N PRO A 9 -12.58 -1.02 13.68
CA PRO A 9 -11.33 -0.53 14.30
C PRO A 9 -10.07 -1.15 13.69
N GLY A 10 -9.03 -0.32 13.58
CA GLY A 10 -7.73 -0.75 13.10
C GLY A 10 -6.71 -1.09 14.18
N LEU A 11 -7.12 -1.17 15.44
CA LEU A 11 -6.23 -1.60 16.52
C LEU A 11 -7.01 -2.56 17.39
N VAL A 12 -6.50 -3.78 17.53
CA VAL A 12 -7.14 -4.82 18.33
C VAL A 12 -6.11 -5.33 19.33
N LYS A 13 -6.50 -5.39 20.60
CA LYS A 13 -5.60 -5.92 21.61
C LYS A 13 -5.45 -7.42 21.45
N PRO A 14 -4.26 -7.98 21.71
CA PRO A 14 -4.06 -9.43 21.59
C PRO A 14 -5.08 -10.22 22.38
N SER A 15 -5.47 -11.38 21.83
CA SER A 15 -6.47 -12.30 22.36
C SER A 15 -7.90 -11.73 22.36
N GLU A 16 -8.11 -10.48 21.97
CA GLU A 16 -9.46 -9.93 21.88
C GLU A 16 -10.01 -10.13 20.47
N THR A 17 -11.15 -9.53 20.17
CA THR A 17 -11.89 -9.84 18.94
C THR A 17 -11.81 -8.69 17.94
N LEU A 18 -11.39 -9.02 16.73
CA LEU A 18 -11.47 -8.13 15.57
C LEU A 18 -12.89 -8.13 15.01
N SER A 19 -13.42 -6.94 14.71
CA SER A 19 -14.77 -6.82 14.17
C SER A 19 -14.81 -5.82 13.03
N LEU A 20 -15.24 -6.27 11.84
CA LEU A 20 -15.32 -5.45 10.65
C LEU A 20 -16.69 -5.61 10.01
N THR A 21 -17.14 -4.54 9.37
CA THR A 21 -18.42 -4.53 8.70
C THR A 21 -18.24 -4.05 7.27
N CYS A 22 -19.04 -4.58 6.36
CA CYS A 22 -19.06 -4.16 4.96
C CYS A 22 -20.50 -3.80 4.60
N ALA A 23 -20.75 -2.51 4.39
CA ALA A 23 -22.06 -2.02 3.99
C ALA A 23 -22.15 -2.08 2.47
N VAL A 24 -23.24 -2.62 1.94
CA VAL A 24 -23.37 -2.89 0.51
C VAL A 24 -24.41 -1.95 -0.09
N SER A 25 -24.09 -1.38 -1.25
CA SER A 25 -25.00 -0.54 -1.97
C SER A 25 -25.11 -1.03 -3.41
N GLY A 26 -26.29 -0.91 -4.01
CA GLY A 26 -26.47 -1.30 -5.39
C GLY A 26 -26.96 -2.73 -5.60
N TYR A 27 -27.04 -3.54 -4.54
CA TYR A 27 -27.51 -4.92 -4.64
C TYR A 27 -27.94 -5.37 -3.26
N SER A 28 -29.02 -6.16 -3.20
CA SER A 28 -29.57 -6.63 -1.93
C SER A 28 -28.82 -7.90 -1.48
N ILE A 29 -28.18 -7.81 -0.31
CA ILE A 29 -27.30 -8.89 0.16
C ILE A 29 -28.06 -10.21 0.19
N SER A 30 -29.30 -10.19 0.64
CA SER A 30 -30.04 -11.44 0.76
C SER A 30 -30.64 -11.92 -0.56
N SER A 31 -30.36 -11.26 -1.69
CA SER A 31 -30.87 -11.74 -2.96
C SER A 31 -29.97 -12.76 -3.64
N GLY A 32 -28.68 -12.77 -3.33
CA GLY A 32 -27.77 -13.67 -4.01
C GLY A 32 -26.33 -13.32 -3.73
N TYR A 33 -25.44 -13.96 -4.51
CA TYR A 33 -24.00 -13.77 -4.44
C TYR A 33 -23.40 -14.31 -3.15
N TYR A 34 -22.08 -14.38 -3.11
CA TYR A 34 -21.31 -14.81 -1.95
C TYR A 34 -20.52 -13.62 -1.42
N TRP A 35 -20.61 -13.37 -0.12
CA TRP A 35 -20.01 -12.18 0.48
C TRP A 35 -18.88 -12.61 1.39
N GLY A 36 -17.66 -12.23 1.04
CA GLY A 36 -16.48 -12.88 1.60
C GLY A 36 -15.50 -11.89 2.18
N TRP A 37 -14.55 -12.44 2.92
CA TRP A 37 -13.48 -11.66 3.53
C TRP A 37 -12.14 -12.26 3.12
N ILE A 38 -11.19 -11.40 2.80
CA ILE A 38 -9.85 -11.78 2.40
C ILE A 38 -8.88 -10.85 3.12
N ARG A 39 -7.76 -11.39 3.59
CA ARG A 39 -6.77 -10.52 4.23
C ARG A 39 -5.41 -10.65 3.56
N GLN A 40 -4.58 -9.63 3.80
CA GLN A 40 -3.24 -9.56 3.23
C GLN A 40 -2.30 -9.01 4.30
N PRO A 41 -1.53 -9.88 4.94
CA PRO A 41 -0.56 -9.40 5.93
C PRO A 41 0.51 -8.57 5.25
N PRO A 42 1.18 -7.67 5.99
CA PRO A 42 2.16 -6.79 5.35
C PRO A 42 3.22 -7.55 4.55
N GLY A 43 3.43 -7.13 3.31
CA GLY A 43 4.42 -7.73 2.43
C GLY A 43 4.11 -9.12 1.92
N LYS A 44 2.93 -9.65 2.21
CA LYS A 44 2.61 -11.04 1.88
C LYS A 44 1.41 -11.08 0.93
N GLY A 45 0.89 -12.29 0.71
CA GLY A 45 -0.12 -12.52 -0.30
C GLY A 45 -1.54 -12.49 0.26
N LEU A 46 -2.49 -12.81 -0.61
CA LEU A 46 -3.89 -12.84 -0.25
C LEU A 46 -4.21 -14.10 0.53
N GLU A 47 -4.99 -13.95 1.60
CA GLU A 47 -5.39 -15.06 2.45
C GLU A 47 -6.90 -15.11 2.55
N TYR A 48 -7.47 -16.25 2.17
CA TYR A 48 -8.91 -16.46 2.27
C TYR A 48 -9.34 -16.60 3.73
N ILE A 49 -10.40 -15.92 4.12
CA ILE A 49 -10.97 -16.08 5.46
C ILE A 49 -12.25 -16.89 5.43
N GLY A 50 -13.21 -16.49 4.60
CA GLY A 50 -14.49 -17.18 4.54
C GLY A 50 -15.51 -16.35 3.78
N TYR A 51 -16.70 -16.93 3.61
CA TYR A 51 -17.78 -16.16 2.98
C TYR A 51 -19.13 -16.63 3.53
N ILE A 52 -20.16 -15.81 3.27
CA ILE A 52 -21.54 -16.15 3.57
C ILE A 52 -22.33 -16.04 2.27
N SER A 53 -23.18 -17.03 2.01
CA SER A 53 -24.06 -17.01 0.85
C SER A 53 -25.22 -16.05 1.10
N GLY A 54 -25.49 -15.17 0.13
CA GLY A 54 -26.55 -14.19 0.32
C GLY A 54 -27.94 -14.81 0.42
N SER A 55 -28.24 -15.75 -0.49
CA SER A 55 -29.56 -16.38 -0.50
C SER A 55 -29.80 -17.23 0.73
N SER A 56 -28.84 -18.08 1.08
CA SER A 56 -29.07 -19.12 2.08
C SER A 56 -28.68 -18.72 3.49
N GLY A 57 -27.68 -17.86 3.64
CA GLY A 57 -27.11 -17.62 4.95
C GLY A 57 -26.07 -18.63 5.37
N SER A 58 -25.81 -19.65 4.55
CA SER A 58 -24.77 -20.60 4.86
C SER A 58 -23.40 -19.92 4.85
N THR A 59 -22.52 -20.36 5.75
CA THR A 59 -21.18 -19.80 5.87
C THR A 59 -20.15 -20.88 5.61
N TYR A 60 -19.01 -20.45 5.08
CA TYR A 60 -17.89 -21.33 4.78
C TYR A 60 -16.62 -20.59 5.16
N TYR A 61 -15.72 -21.29 5.85
CA TYR A 61 -14.52 -20.70 6.44
C TYR A 61 -13.29 -21.49 6.02
N ASN A 62 -12.18 -20.78 5.94
CA ASN A 62 -10.86 -21.38 5.90
C ASN A 62 -10.65 -22.28 7.13
N PRO A 63 -10.43 -23.59 6.94
CA PRO A 63 -10.21 -24.47 8.10
C PRO A 63 -9.11 -24.03 9.03
N SER A 64 -8.12 -23.26 8.55
CA SER A 64 -7.05 -22.85 9.45
C SER A 64 -7.52 -21.75 10.41
N LEU A 65 -8.67 -21.15 10.14
CA LEU A 65 -9.24 -20.12 11.00
C LEU A 65 -10.40 -20.62 11.85
N LYS A 66 -11.02 -21.73 11.46
CA LYS A 66 -11.78 -22.61 12.34
C LYS A 66 -12.69 -21.90 13.33
N SER A 67 -12.50 -22.23 14.61
CA SER A 67 -13.33 -21.80 15.72
C SER A 67 -13.28 -20.30 15.98
N ARG A 68 -12.43 -19.54 15.28
CA ARG A 68 -12.26 -18.14 15.58
C ARG A 68 -13.08 -17.22 14.69
N VAL A 69 -13.69 -17.72 13.61
CA VAL A 69 -14.28 -16.88 12.57
C VAL A 69 -15.81 -16.94 12.67
N THR A 70 -16.45 -15.78 12.62
CA THR A 70 -17.88 -15.71 12.38
C THR A 70 -18.13 -14.65 11.31
N ILE A 71 -18.86 -15.05 10.28
CA ILE A 71 -19.33 -14.14 9.26
C ILE A 71 -20.85 -14.20 9.30
N SER A 72 -21.49 -13.04 9.32
CA SER A 72 -22.94 -13.00 9.34
C SER A 72 -23.40 -11.83 8.49
N LYS A 73 -24.70 -11.77 8.24
CA LYS A 73 -25.25 -10.66 7.47
C LYS A 73 -26.37 -10.02 8.25
N ASP A 74 -26.57 -8.73 8.00
CA ASP A 74 -27.63 -7.92 8.61
C ASP A 74 -28.47 -7.37 7.47
N THR A 75 -29.54 -8.07 7.12
CA THR A 75 -30.37 -7.59 6.02
C THR A 75 -31.05 -6.26 6.39
N SER A 76 -31.29 -6.03 7.68
CA SER A 76 -31.84 -4.75 8.10
C SER A 76 -30.95 -3.59 7.69
N LYS A 77 -29.65 -3.83 7.53
CA LYS A 77 -28.73 -2.76 7.19
C LYS A 77 -28.07 -2.97 5.84
N ASN A 78 -28.45 -4.02 5.11
CA ASN A 78 -27.75 -4.45 3.89
C ASN A 78 -26.23 -4.45 4.12
N GLN A 79 -25.81 -5.15 5.18
CA GLN A 79 -24.43 -5.27 5.60
C GLN A 79 -24.07 -6.72 5.89
N PHE A 80 -22.78 -7.04 5.82
CA PHE A 80 -22.29 -8.27 6.40
C PHE A 80 -21.03 -7.98 7.19
N SER A 81 -20.70 -8.90 8.11
CA SER A 81 -19.68 -8.65 9.12
C SER A 81 -18.69 -9.80 9.22
N LEU A 82 -17.52 -9.49 9.77
CA LEU A 82 -16.49 -10.45 10.12
C LEU A 82 -16.13 -10.23 11.59
N LYS A 83 -16.20 -11.30 12.39
CA LYS A 83 -15.65 -11.28 13.73
C LYS A 83 -14.59 -12.36 13.83
N LEU A 84 -13.38 -11.96 14.26
CA LEU A 84 -12.24 -12.86 14.41
C LEU A 84 -11.76 -12.77 15.85
N SER A 85 -11.96 -13.83 16.62
CA SER A 85 -11.67 -13.82 18.04
C SER A 85 -10.25 -14.31 18.30
N SER A 86 -9.77 -14.08 19.52
CA SER A 86 -8.45 -14.55 20.00
C SER A 86 -7.32 -14.15 19.05
N VAL A 87 -7.25 -12.87 18.70
CA VAL A 87 -6.28 -12.46 17.70
C VAL A 87 -4.86 -12.50 18.28
N THR A 88 -3.90 -12.75 17.40
CA THR A 88 -2.48 -12.67 17.70
C THR A 88 -1.78 -11.86 16.59
N ALA A 89 -0.44 -11.80 16.61
CA ALA A 89 0.28 -11.08 15.59
C ALA A 89 -0.04 -11.61 14.19
N ALA A 90 -0.36 -12.90 14.08
CA ALA A 90 -0.66 -13.54 12.80
C ALA A 90 -1.91 -12.96 12.14
N ASP A 91 -2.69 -12.15 12.85
CA ASP A 91 -3.92 -11.57 12.33
C ASP A 91 -3.74 -10.12 11.93
N THR A 92 -2.55 -9.55 12.12
CA THR A 92 -2.25 -8.22 11.60
C THR A 92 -2.23 -8.29 10.08
N ALA A 93 -3.05 -7.47 9.42
CA ALA A 93 -3.20 -7.53 7.98
C ALA A 93 -4.11 -6.41 7.53
N VAL A 94 -4.11 -6.15 6.22
CA VAL A 94 -5.19 -5.42 5.57
C VAL A 94 -6.32 -6.39 5.28
N TYR A 95 -7.54 -6.05 5.68
CA TYR A 95 -8.71 -6.91 5.48
C TYR A 95 -9.62 -6.29 4.43
N TYR A 96 -10.05 -7.11 3.46
CA TYR A 96 -10.94 -6.66 2.41
C TYR A 96 -12.21 -7.49 2.48
N CYS A 97 -13.35 -6.83 2.28
CA CYS A 97 -14.51 -7.60 1.87
C CYS A 97 -14.52 -7.66 0.35
N ALA A 98 -15.22 -8.67 -0.19
CA ALA A 98 -15.28 -8.84 -1.65
C ALA A 98 -16.44 -9.76 -1.99
N ARG A 99 -17.03 -9.54 -3.17
CA ARG A 99 -18.19 -10.29 -3.62
C ARG A 99 -17.83 -11.16 -4.84
N ARG A 100 -18.48 -12.31 -4.93
CA ARG A 100 -18.54 -13.04 -6.19
C ARG A 100 -19.94 -13.59 -6.37
N ASP A 101 -20.23 -14.04 -7.57
CA ASP A 101 -21.54 -14.59 -7.90
C ASP A 101 -21.62 -16.06 -7.44
N ARG A 102 -22.85 -16.54 -7.28
CA ARG A 102 -23.03 -17.90 -6.80
C ARG A 102 -22.76 -18.92 -7.90
N VAL A 103 -22.43 -20.15 -7.48
CA VAL A 103 -22.26 -21.24 -8.43
C VAL A 103 -23.56 -21.42 -9.20
N GLY A 104 -23.46 -21.47 -10.51
CA GLY A 104 -24.68 -21.58 -11.31
C GLY A 104 -24.79 -20.47 -12.32
N SER A 105 -24.16 -19.33 -12.02
CA SER A 105 -23.99 -18.25 -12.98
C SER A 105 -22.86 -18.61 -13.96
N TYR A 106 -22.71 -17.78 -15.01
CA TYR A 106 -21.58 -17.87 -15.92
C TYR A 106 -20.27 -17.75 -15.13
N PRO A 107 -19.35 -18.72 -15.22
CA PRO A 107 -18.22 -18.75 -14.28
C PRO A 107 -17.29 -17.54 -14.36
N TYR A 108 -17.38 -16.71 -15.40
CA TYR A 108 -16.68 -15.41 -15.35
C TYR A 108 -17.03 -14.66 -14.07
N TYR A 109 -18.31 -14.69 -13.68
CA TYR A 109 -18.77 -13.98 -12.50
C TYR A 109 -18.36 -14.64 -11.18
N TYR A 110 -17.71 -15.81 -11.22
CA TYR A 110 -17.11 -16.34 -9.99
C TYR A 110 -15.86 -15.57 -9.59
N GLY A 111 -15.26 -14.82 -10.52
CA GLY A 111 -14.15 -13.96 -10.13
C GLY A 111 -14.66 -12.89 -9.17
N LEU A 112 -13.84 -12.58 -8.17
CA LEU A 112 -14.20 -11.56 -7.20
C LEU A 112 -14.36 -10.23 -7.92
N ASP A 113 -15.61 -9.72 -7.98
CA ASP A 113 -15.93 -8.63 -8.90
C ASP A 113 -15.88 -7.25 -8.26
N SER A 114 -15.99 -7.15 -6.95
CA SER A 114 -15.86 -5.86 -6.29
C SER A 114 -15.23 -6.06 -4.92
N TRP A 115 -14.55 -5.03 -4.44
CA TRP A 115 -13.72 -5.09 -3.26
C TRP A 115 -14.00 -3.88 -2.38
N GLY A 116 -14.05 -4.12 -1.07
CA GLY A 116 -13.97 -3.01 -0.13
C GLY A 116 -12.66 -2.28 -0.28
N GLN A 117 -12.57 -1.09 0.33
CA GLN A 117 -11.34 -0.33 0.21
C GLN A 117 -10.21 -0.90 1.07
N GLY A 118 -10.54 -1.77 2.03
CA GLY A 118 -9.52 -2.39 2.87
C GLY A 118 -9.36 -1.66 4.19
N VAL A 119 -9.31 -2.40 5.28
CA VAL A 119 -9.05 -1.82 6.60
C VAL A 119 -7.73 -2.35 7.12
N LEU A 120 -6.85 -1.46 7.52
CA LEU A 120 -5.58 -1.83 8.11
C LEU A 120 -5.79 -2.20 9.58
N VAL A 121 -5.48 -3.44 9.93
CA VAL A 121 -5.70 -3.97 11.27
C VAL A 121 -4.35 -4.33 11.86
N THR A 122 -4.06 -3.80 13.05
CA THR A 122 -2.82 -4.08 13.76
C THR A 122 -3.19 -4.69 15.11
N VAL A 123 -2.68 -5.89 15.37
CA VAL A 123 -2.83 -6.52 16.67
C VAL A 123 -1.64 -6.08 17.54
N SER A 124 -1.94 -5.40 18.63
CA SER A 124 -0.89 -4.88 19.51
C SER A 124 -1.51 -4.53 20.85
N SER A 125 -0.71 -4.67 21.91
CA SER A 125 -1.18 -4.21 23.21
C SER A 125 -0.79 -2.77 23.48
N ALA A 126 -0.06 -2.12 22.56
CA ALA A 126 0.24 -0.71 22.71
C ALA A 126 -1.01 0.11 22.42
N SER A 127 -1.11 1.27 23.07
CA SER A 127 -2.26 2.13 22.88
C SER A 127 -2.05 3.09 21.72
N THR A 128 -3.16 3.54 21.16
CA THR A 128 -3.12 4.50 20.07
C THR A 128 -2.36 5.74 20.48
N LYS A 129 -1.70 6.36 19.52
CA LYS A 129 -1.02 7.62 19.74
C LYS A 129 -1.19 8.46 18.49
N GLY A 130 -1.79 9.64 18.63
CA GLY A 130 -1.93 10.56 17.54
C GLY A 130 -0.60 11.20 17.18
N PRO A 131 -0.47 11.71 15.97
CA PRO A 131 0.79 12.30 15.54
C PRO A 131 0.94 13.73 16.01
N SER A 132 2.19 14.14 16.18
CA SER A 132 2.50 15.57 16.16
C SER A 132 2.76 15.95 14.71
N VAL A 133 2.15 17.03 14.25
CA VAL A 133 2.27 17.46 12.86
C VAL A 133 3.10 18.74 12.83
N PHE A 134 4.13 18.75 11.97
CA PHE A 134 4.99 19.92 11.88
C PHE A 134 5.04 20.42 10.44
N PRO A 135 4.92 21.73 10.22
CA PRO A 135 5.12 22.28 8.88
C PRO A 135 6.59 22.20 8.49
N LEU A 136 6.83 21.96 7.20
CA LEU A 136 8.19 21.93 6.64
C LEU A 136 8.29 23.09 5.66
N ALA A 137 8.80 24.22 6.15
CA ALA A 137 8.87 25.42 5.33
C ALA A 137 9.76 25.17 4.12
N PRO A 138 9.44 25.76 2.97
CA PRO A 138 10.37 25.70 1.84
C PRO A 138 11.68 26.40 2.21
N SER A 139 12.79 25.91 1.64
CA SER A 139 14.04 26.61 1.85
C SER A 139 13.96 27.98 1.19
N SER A 140 14.47 29.00 1.88
CA SER A 140 14.40 30.34 1.32
C SER A 140 15.11 30.40 -0.04
N ARG A 141 16.21 29.67 -0.17
CA ARG A 141 16.92 29.64 -1.46
C ARG A 141 16.02 29.18 -2.59
N SER A 142 15.28 28.09 -2.38
CA SER A 142 14.40 27.61 -3.44
C SER A 142 13.22 28.55 -3.69
N THR A 143 12.82 29.34 -2.68
CA THR A 143 11.72 30.28 -2.93
C THR A 143 12.17 31.43 -3.82
N SER A 144 13.48 31.68 -3.91
CA SER A 144 14.03 32.67 -4.83
C SER A 144 14.18 32.12 -6.24
N GLU A 145 13.92 30.83 -6.45
CA GLU A 145 13.87 30.18 -7.75
C GLU A 145 12.41 29.94 -8.15
N SER A 146 12.20 29.26 -9.28
CA SER A 146 10.87 29.22 -9.88
C SER A 146 9.93 28.21 -9.21
N THR A 147 10.46 27.17 -8.57
CA THR A 147 9.62 26.21 -7.86
C THR A 147 10.21 25.94 -6.49
N ALA A 148 9.36 25.55 -5.55
CA ALA A 148 9.76 25.31 -4.17
C ALA A 148 8.99 24.11 -3.61
N ALA A 149 9.68 23.32 -2.79
CA ALA A 149 9.07 22.15 -2.15
C ALA A 149 8.74 22.50 -0.71
N LEU A 150 7.52 22.17 -0.30
CA LEU A 150 7.09 22.41 1.07
C LEU A 150 6.33 21.17 1.54
N GLY A 151 6.32 20.95 2.84
CA GLY A 151 5.82 19.69 3.31
C GLY A 151 5.26 19.75 4.71
N CYS A 152 4.86 18.57 5.21
CA CYS A 152 4.41 18.36 6.57
C CYS A 152 4.99 17.07 7.10
N LEU A 153 5.49 17.13 8.33
CA LEU A 153 6.04 16.00 9.04
C LEU A 153 4.99 15.50 10.02
N VAL A 154 4.58 14.24 9.84
CA VAL A 154 3.59 13.58 10.68
C VAL A 154 4.36 12.60 11.56
N LYS A 155 4.65 13.00 12.80
CA LYS A 155 5.64 12.30 13.61
C LYS A 155 5.01 11.46 14.73
N ASP A 156 5.55 10.25 14.90
CA ASP A 156 5.35 9.43 16.10
C ASP A 156 3.88 9.13 16.36
N TYR A 157 3.27 8.38 15.44
CA TYR A 157 1.90 7.94 15.61
C TYR A 157 1.81 6.42 15.64
N PHE A 158 0.70 5.91 16.17
CA PHE A 158 0.45 4.49 16.23
C PHE A 158 -1.03 4.25 16.37
N PRO A 159 -1.62 3.29 15.66
CA PRO A 159 -0.92 2.58 14.58
C PRO A 159 -1.20 3.21 13.23
N GLU A 160 -0.90 2.48 12.17
CA GLU A 160 -1.28 2.90 10.83
C GLU A 160 -2.80 2.76 10.65
N PRO A 161 -3.39 3.51 9.70
CA PRO A 161 -2.78 4.44 8.75
C PRO A 161 -3.04 5.92 9.09
N VAL A 162 -2.37 6.77 8.32
CA VAL A 162 -2.57 8.22 8.33
C VAL A 162 -2.88 8.64 6.91
N THR A 163 -3.77 9.62 6.77
CA THR A 163 -4.13 10.24 5.50
C THR A 163 -3.67 11.69 5.53
N VAL A 164 -3.17 12.19 4.40
CA VAL A 164 -2.75 13.58 4.24
C VAL A 164 -3.38 14.11 2.97
N SER A 165 -3.96 15.30 3.05
CA SER A 165 -4.31 16.03 1.84
C SER A 165 -3.79 17.45 1.97
N TRP A 166 -3.89 18.21 0.89
CA TRP A 166 -3.45 19.60 0.87
C TRP A 166 -4.60 20.52 0.47
N ASN A 167 -4.75 21.61 1.23
CA ASN A 167 -5.79 22.61 1.01
C ASN A 167 -7.16 21.96 0.87
N SER A 168 -7.50 21.12 1.85
CA SER A 168 -8.80 20.45 1.91
C SER A 168 -9.09 19.66 0.63
N GLY A 169 -8.04 19.16 -0.02
CA GLY A 169 -8.21 18.37 -1.22
C GLY A 169 -8.16 19.13 -2.51
N SER A 170 -8.06 20.46 -2.45
CA SER A 170 -8.01 21.23 -3.69
C SER A 170 -6.64 21.21 -4.33
N LEU A 171 -5.59 20.88 -3.59
CA LEU A 171 -4.24 20.82 -4.13
C LEU A 171 -3.83 19.36 -4.27
N THR A 172 -3.59 18.94 -5.49
CA THR A 172 -3.24 17.54 -5.74
C THR A 172 -2.02 17.39 -6.61
N SER A 173 -1.83 18.24 -7.62
CA SER A 173 -0.70 18.11 -8.52
C SER A 173 0.61 18.44 -7.79
N GLY A 174 1.64 17.64 -8.05
CA GLY A 174 2.89 17.80 -7.35
C GLY A 174 2.90 17.34 -5.92
N VAL A 175 1.84 16.69 -5.45
CA VAL A 175 1.78 16.18 -4.07
C VAL A 175 2.40 14.80 -4.02
N HIS A 176 3.34 14.60 -3.09
CA HIS A 176 3.93 13.27 -2.88
C HIS A 176 3.95 12.98 -1.40
N THR A 177 3.10 12.06 -0.97
CA THR A 177 3.06 11.57 0.40
C THR A 177 3.76 10.21 0.45
N PHE A 178 4.80 10.12 1.25
CA PHE A 178 5.71 8.99 1.33
C PHE A 178 5.21 7.95 2.33
N PRO A 179 5.44 6.66 2.05
CA PRO A 179 5.18 5.63 3.07
C PRO A 179 5.91 5.90 4.37
N ALA A 180 5.32 5.44 5.47
CA ALA A 180 5.85 5.73 6.79
C ALA A 180 7.13 4.93 7.08
N VAL A 181 7.99 5.51 7.93
CA VAL A 181 9.06 4.79 8.59
C VAL A 181 8.53 4.31 9.95
N LEU A 182 8.98 3.14 10.38
CA LEU A 182 8.67 2.64 11.71
C LEU A 182 9.93 2.80 12.56
N GLN A 183 9.85 3.63 13.60
CA GLN A 183 11.00 3.93 14.44
C GLN A 183 11.27 2.77 15.39
N SER A 184 12.45 2.79 16.03
CA SER A 184 12.77 1.78 17.02
C SER A 184 11.83 1.83 18.21
N SER A 185 11.16 2.97 18.43
CA SER A 185 10.16 3.14 19.48
C SER A 185 8.84 2.44 19.16
N GLY A 186 8.69 1.87 17.96
CA GLY A 186 7.43 1.30 17.58
C GLY A 186 6.40 2.29 17.11
N LEU A 187 6.73 3.57 17.05
CA LEU A 187 5.86 4.59 16.47
C LEU A 187 6.26 4.83 15.03
N TYR A 188 5.29 5.32 14.26
CA TYR A 188 5.46 5.61 12.84
C TYR A 188 5.66 7.10 12.61
N SER A 189 6.35 7.43 11.52
CA SER A 189 6.40 8.80 11.05
C SER A 189 6.33 8.82 9.53
N LEU A 190 5.71 9.85 8.99
CA LEU A 190 5.58 9.99 7.56
C LEU A 190 5.65 11.46 7.20
N SER A 191 5.91 11.75 5.93
CA SER A 191 6.02 13.10 5.44
C SER A 191 5.29 13.22 4.12
N SER A 192 4.68 14.37 3.90
CA SER A 192 4.08 14.69 2.62
C SER A 192 4.72 15.97 2.14
N VAL A 193 4.98 16.04 0.85
CA VAL A 193 5.65 17.18 0.25
C VAL A 193 4.90 17.58 -1.01
N VAL A 194 4.93 18.87 -1.32
CA VAL A 194 4.32 19.37 -2.54
C VAL A 194 5.22 20.43 -3.13
N THR A 195 5.39 20.40 -4.44
CA THR A 195 6.17 21.38 -5.17
C THR A 195 5.21 22.34 -5.85
N VAL A 196 5.45 23.64 -5.67
CA VAL A 196 4.53 24.66 -6.17
C VAL A 196 5.34 25.75 -6.85
N PRO A 197 4.71 26.55 -7.72
CA PRO A 197 5.38 27.75 -8.23
C PRO A 197 5.69 28.68 -7.06
N SER A 198 6.94 29.16 -7.03
CA SER A 198 7.35 30.03 -5.93
C SER A 198 6.50 31.30 -5.91
N SER A 199 6.17 31.82 -7.09
CA SER A 199 5.22 32.91 -7.26
C SER A 199 3.97 32.74 -6.41
N SER A 200 3.46 31.49 -6.32
CA SER A 200 2.23 31.19 -5.60
C SER A 200 2.36 31.34 -4.10
N LEU A 201 3.58 31.28 -3.57
CA LEU A 201 3.77 31.42 -2.13
C LEU A 201 3.35 32.79 -1.62
N GLY A 202 3.28 33.80 -2.51
CA GLY A 202 2.84 35.13 -2.14
C GLY A 202 1.35 35.39 -2.22
N THR A 203 0.57 34.44 -2.74
CA THR A 203 -0.87 34.59 -2.91
C THR A 203 -1.68 33.39 -2.44
N GLN A 204 -1.09 32.21 -2.32
CA GLN A 204 -1.78 31.02 -1.85
C GLN A 204 -1.41 30.73 -0.41
N THR A 205 -2.28 29.98 0.25
CA THR A 205 -2.05 29.42 1.58
C THR A 205 -1.94 27.91 1.44
N TYR A 206 -0.91 27.31 2.02
CA TYR A 206 -0.72 25.87 1.95
C TYR A 206 -0.92 25.26 3.32
N VAL A 207 -1.94 24.40 3.44
CA VAL A 207 -2.27 23.72 4.67
C VAL A 207 -2.36 22.23 4.37
N CYS A 208 -1.68 21.42 5.18
CA CYS A 208 -1.79 19.98 5.04
C CYS A 208 -2.84 19.49 6.02
N ASN A 209 -3.75 18.65 5.53
CA ASN A 209 -4.84 18.11 6.33
C ASN A 209 -4.47 16.67 6.70
N VAL A 210 -4.13 16.45 7.97
CA VAL A 210 -3.62 15.19 8.45
C VAL A 210 -4.74 14.50 9.23
N ASN A 211 -5.04 13.26 8.87
CA ASN A 211 -6.14 12.52 9.48
C ASN A 211 -5.61 11.17 9.98
N HIS A 212 -5.73 10.94 11.30
CA HIS A 212 -5.30 9.70 11.95
C HIS A 212 -6.49 9.16 12.73
N LYS A 213 -7.37 8.43 12.02
CA LYS A 213 -8.62 7.96 12.61
C LYS A 213 -8.47 7.15 13.89
N PRO A 214 -7.48 6.25 14.02
CA PRO A 214 -7.38 5.46 15.26
C PRO A 214 -7.32 6.28 16.55
N SER A 215 -6.74 7.48 16.52
CA SER A 215 -6.73 8.37 17.68
C SER A 215 -7.73 9.50 17.57
N ASN A 216 -8.57 9.51 16.52
CA ASN A 216 -9.52 10.58 16.26
C ASN A 216 -8.81 11.94 16.17
N THR A 217 -7.68 11.97 15.47
CA THR A 217 -6.87 13.17 15.32
C THR A 217 -6.99 13.67 13.88
N LYS A 218 -7.66 14.79 13.70
CA LYS A 218 -7.59 15.60 12.50
C LYS A 218 -6.85 16.88 12.84
N VAL A 219 -5.81 17.19 12.09
CA VAL A 219 -4.97 18.36 12.32
C VAL A 219 -4.71 19.01 10.97
N ASP A 220 -4.95 20.32 10.88
CA ASP A 220 -4.62 21.13 9.72
C ASP A 220 -3.46 22.04 10.11
N LYS A 221 -2.32 21.87 9.43
CA LYS A 221 -1.12 22.64 9.76
C LYS A 221 -0.77 23.55 8.59
N ARG A 222 -0.77 24.85 8.85
CA ARG A 222 -0.40 25.84 7.87
C ARG A 222 1.11 25.86 7.71
N VAL A 223 1.59 25.82 6.48
CA VAL A 223 3.02 25.94 6.23
C VAL A 223 3.32 27.40 5.95
N GLU A 224 4.13 28.01 6.80
CA GLU A 224 4.48 29.41 6.65
C GLU A 224 5.75 29.55 5.83
N ILE A 225 5.89 30.68 5.18
CA ILE A 225 7.05 30.95 4.34
C ILE A 225 8.02 31.80 5.15
N LYS A 226 9.27 31.35 5.21
CA LYS A 226 10.33 32.07 5.90
C LYS A 226 11.33 32.61 4.88
N THR A 227 11.97 33.73 5.24
CA THR A 227 13.05 34.29 4.44
C THR A 227 14.43 34.03 5.03
N CYS A 228 14.52 33.43 6.21
CA CYS A 228 15.79 32.95 6.77
C CYS A 228 15.55 31.84 7.80
N SER B 2 -5.39 -28.07 -0.76
CA SER B 2 -5.18 -27.72 -2.16
C SER B 2 -4.34 -26.44 -2.27
N VAL B 3 -3.44 -26.34 -3.25
CA VAL B 3 -2.37 -25.34 -3.18
C VAL B 3 -1.99 -24.90 -4.60
N LEU B 4 -1.85 -23.59 -4.78
CA LEU B 4 -1.41 -23.01 -6.05
C LEU B 4 -0.01 -22.43 -5.86
N THR B 5 0.91 -22.82 -6.72
CA THR B 5 2.32 -22.45 -6.60
C THR B 5 2.69 -21.48 -7.72
N GLN B 6 3.10 -20.27 -7.35
CA GLN B 6 3.57 -19.22 -8.21
C GLN B 6 5.01 -18.88 -7.88
N PRO B 7 5.84 -18.61 -8.87
CA PRO B 7 7.19 -18.11 -8.59
C PRO B 7 7.11 -16.73 -7.98
N PRO B 8 7.97 -16.39 -7.02
CA PRO B 8 7.85 -15.08 -6.37
C PRO B 8 8.05 -13.90 -7.33
N SER B 9 8.88 -14.07 -8.35
CA SER B 9 9.17 -12.94 -9.22
C SER B 9 9.42 -13.43 -10.64
N LEU B 10 9.19 -12.52 -11.60
CA LEU B 10 9.41 -12.81 -13.01
C LEU B 10 9.78 -11.51 -13.72
N SER B 11 10.80 -11.59 -14.59
CA SER B 11 11.22 -10.49 -15.45
C SER B 11 11.01 -10.87 -16.91
N ALA B 12 10.70 -9.85 -17.73
CA ALA B 12 10.50 -10.07 -19.15
C ALA B 12 10.75 -8.75 -19.89
N SER B 13 11.01 -8.87 -21.24
CA SER B 13 11.37 -7.74 -22.08
C SER B 13 10.15 -7.06 -22.69
N PRO B 14 10.23 -5.75 -22.92
CA PRO B 14 9.10 -5.05 -23.54
C PRO B 14 8.86 -5.54 -24.96
N GLY B 15 7.59 -5.60 -25.34
CA GLY B 15 7.23 -6.14 -26.64
C GLY B 15 7.08 -7.64 -26.64
N ALA B 16 7.94 -8.35 -25.91
CA ALA B 16 7.83 -9.80 -25.77
C ALA B 16 6.71 -10.13 -24.78
N SER B 17 6.64 -11.40 -24.37
CA SER B 17 5.53 -11.88 -23.55
C SER B 17 6.05 -12.36 -22.21
N ALA B 18 5.34 -11.98 -21.15
CA ALA B 18 5.56 -12.57 -19.85
C ALA B 18 4.63 -13.78 -19.72
N ARG B 19 5.20 -14.90 -19.29
CA ARG B 19 4.45 -16.13 -19.05
C ARG B 19 4.49 -16.39 -17.55
N LEU B 20 3.43 -16.00 -16.85
CA LEU B 20 3.36 -16.20 -15.41
C LEU B 20 2.72 -17.54 -15.12
N PRO B 21 3.42 -18.47 -14.46
CA PRO B 21 2.85 -19.78 -14.19
C PRO B 21 2.18 -19.88 -12.83
N CYS B 22 1.18 -20.75 -12.79
CA CYS B 22 0.42 -21.05 -11.58
C CYS B 22 0.25 -22.57 -11.54
N THR B 23 1.04 -23.23 -10.71
CA THR B 23 1.06 -24.68 -10.68
C THR B 23 0.08 -25.18 -9.63
N LEU B 24 -0.82 -26.06 -10.04
CA LEU B 24 -1.84 -26.60 -9.16
C LEU B 24 -1.36 -27.89 -8.52
N SER B 25 -1.64 -28.05 -7.23
CA SER B 25 -1.34 -29.30 -6.56
C SER B 25 -2.02 -30.45 -7.31
N SER B 26 -1.46 -31.66 -7.13
CA SER B 26 -1.80 -32.77 -8.02
C SER B 26 -3.21 -33.30 -7.80
N ASP B 27 -3.81 -33.04 -6.63
CA ASP B 27 -5.22 -33.36 -6.37
C ASP B 27 -6.19 -32.65 -7.32
N LEU B 28 -5.74 -31.63 -8.04
CA LEU B 28 -6.54 -30.91 -9.02
C LEU B 28 -6.05 -31.26 -10.42
N SER B 29 -6.96 -31.12 -11.38
CA SER B 29 -6.62 -31.25 -12.79
C SER B 29 -6.81 -29.90 -13.46
N VAL B 30 -5.71 -29.22 -13.79
CA VAL B 30 -5.78 -27.90 -14.42
C VAL B 30 -6.70 -27.89 -15.65
N GLY B 31 -6.80 -29.03 -16.36
CA GLY B 31 -7.63 -29.10 -17.55
C GLY B 31 -9.04 -28.60 -17.34
N SER B 32 -9.66 -29.00 -16.23
CA SER B 32 -11.07 -28.73 -15.97
C SER B 32 -11.30 -27.64 -14.92
N LYS B 33 -10.28 -26.86 -14.56
CA LYS B 33 -10.42 -25.88 -13.49
C LYS B 33 -10.64 -24.49 -14.09
N ASN B 34 -11.62 -23.78 -13.53
CA ASN B 34 -11.73 -22.34 -13.77
C ASN B 34 -10.58 -21.62 -13.07
N MET B 35 -9.78 -20.88 -13.84
CA MET B 35 -8.68 -20.09 -13.30
C MET B 35 -9.07 -18.61 -13.27
N TYR B 36 -8.65 -17.92 -12.20
CA TYR B 36 -8.86 -16.48 -12.09
C TYR B 36 -7.53 -15.83 -11.74
N TRP B 37 -7.23 -14.72 -12.41
CA TRP B 37 -6.00 -13.98 -12.18
C TRP B 37 -6.39 -12.57 -11.74
N TYR B 38 -5.73 -12.11 -10.69
CA TYR B 38 -5.93 -10.76 -10.17
C TYR B 38 -4.62 -9.97 -10.30
N GLN B 39 -4.74 -8.72 -10.70
CA GLN B 39 -3.62 -7.81 -10.73
C GLN B 39 -3.70 -6.89 -9.52
N GLN B 40 -2.57 -6.71 -8.83
CA GLN B 40 -2.57 -5.81 -7.68
C GLN B 40 -1.36 -4.89 -7.74
N LYS B 41 -1.63 -3.60 -7.64
CA LYS B 41 -0.59 -2.59 -7.58
C LYS B 41 -0.56 -1.97 -6.18
N PRO B 42 0.58 -1.40 -5.78
CA PRO B 42 0.68 -0.80 -4.43
C PRO B 42 -0.44 0.16 -4.10
N GLY B 43 -1.04 -0.02 -2.92
CA GLY B 43 -2.05 0.88 -2.40
C GLY B 43 -3.48 0.59 -2.83
N SER B 44 -3.72 -0.45 -3.62
CA SER B 44 -5.05 -0.76 -4.11
C SER B 44 -5.37 -2.22 -3.86
N ALA B 45 -6.67 -2.50 -3.85
CA ALA B 45 -7.16 -3.87 -3.83
C ALA B 45 -6.80 -4.58 -5.13
N PRO B 46 -6.68 -5.91 -5.10
CA PRO B 46 -6.55 -6.66 -6.35
C PRO B 46 -7.73 -6.38 -7.27
N ARG B 47 -7.53 -6.55 -8.58
CA ARG B 47 -8.64 -6.46 -9.50
C ARG B 47 -8.61 -7.63 -10.46
N LEU B 48 -9.79 -8.18 -10.75
CA LEU B 48 -9.90 -9.31 -11.65
C LEU B 48 -9.24 -8.98 -12.99
N PHE B 49 -8.30 -9.81 -13.39
CA PHE B 49 -7.51 -9.59 -14.58
C PHE B 49 -7.91 -10.53 -15.70
N LEU B 50 -8.05 -11.83 -15.40
CA LEU B 50 -8.40 -12.82 -16.40
C LEU B 50 -9.19 -13.94 -15.75
N TYR B 51 -10.25 -14.36 -16.42
CA TYR B 51 -10.91 -15.64 -16.16
C TYR B 51 -10.57 -16.57 -17.32
N TYR B 52 -10.04 -17.75 -17.01
CA TYR B 52 -9.59 -18.66 -18.06
C TYR B 52 -9.98 -20.08 -17.73
N TYR B 53 -10.85 -20.65 -18.56
CA TYR B 53 -11.09 -22.08 -18.56
C TYR B 53 -10.44 -22.75 -19.77
N SER B 54 -10.62 -22.18 -20.96
CA SER B 54 -10.00 -22.67 -22.17
C SER B 54 -9.88 -21.50 -23.14
N ASP B 55 -9.25 -21.76 -24.28
CA ASP B 55 -9.29 -20.76 -25.35
C ASP B 55 -10.72 -20.49 -25.84
N SER B 56 -11.63 -21.45 -25.67
CA SER B 56 -13.02 -21.26 -26.05
C SER B 56 -13.81 -20.48 -25.00
N ASP B 57 -13.44 -20.61 -23.73
CA ASP B 57 -14.21 -20.04 -22.61
C ASP B 57 -13.23 -19.23 -21.75
N LYS B 58 -13.20 -17.92 -21.99
CA LYS B 58 -12.27 -17.02 -21.33
C LYS B 58 -12.83 -15.61 -21.44
N GLN B 59 -12.51 -14.77 -20.45
CA GLN B 59 -12.91 -13.37 -20.47
C GLN B 59 -11.84 -12.52 -19.81
N LEU B 60 -11.42 -11.44 -20.47
CA LEU B 60 -10.60 -10.44 -19.79
C LEU B 60 -11.41 -9.71 -18.72
N GLY B 61 -10.72 -9.27 -17.67
CA GLY B 61 -11.35 -8.50 -16.62
C GLY B 61 -11.66 -7.08 -17.09
N PRO B 62 -12.45 -6.34 -16.32
CA PRO B 62 -12.83 -4.98 -16.74
C PRO B 62 -11.62 -4.09 -16.96
N GLY B 63 -11.56 -3.45 -18.12
CA GLY B 63 -10.48 -2.53 -18.44
C GLY B 63 -9.13 -3.17 -18.72
N VAL B 64 -9.09 -4.46 -19.03
CA VAL B 64 -7.85 -5.18 -19.31
C VAL B 64 -7.64 -5.24 -20.83
N PRO B 65 -6.47 -4.90 -21.34
CA PRO B 65 -6.28 -4.79 -22.80
C PRO B 65 -6.29 -6.17 -23.48
N ASN B 66 -6.43 -6.13 -24.81
CA ASN B 66 -6.55 -7.34 -25.60
C ASN B 66 -5.26 -8.17 -25.65
N ARG B 67 -4.12 -7.60 -25.26
CA ARG B 67 -2.86 -8.31 -25.31
C ARG B 67 -2.65 -9.27 -24.14
N VAL B 68 -3.70 -9.55 -23.37
CA VAL B 68 -3.64 -10.48 -22.26
C VAL B 68 -4.35 -11.77 -22.65
N SER B 69 -3.76 -12.91 -22.30
CA SER B 69 -4.36 -14.19 -22.61
C SER B 69 -3.99 -15.20 -21.53
N GLY B 70 -4.49 -16.43 -21.69
CA GLY B 70 -4.19 -17.49 -20.76
C GLY B 70 -3.86 -18.78 -21.48
N SER B 71 -3.37 -19.75 -20.72
CA SER B 71 -3.16 -21.09 -21.26
C SER B 71 -3.07 -22.06 -20.09
N LYS B 72 -2.95 -23.34 -20.44
CA LYS B 72 -2.83 -24.43 -19.48
C LYS B 72 -1.92 -25.51 -20.08
N GLU B 73 -0.97 -25.97 -19.28
CA GLU B 73 -0.14 -27.13 -19.63
C GLU B 73 -0.61 -28.27 -18.74
N THR B 74 -1.32 -29.23 -19.34
CA THR B 74 -1.79 -30.39 -18.60
C THR B 74 -0.61 -31.22 -18.08
N SER B 75 0.48 -31.34 -18.86
CA SER B 75 1.59 -32.19 -18.45
C SER B 75 2.20 -31.73 -17.13
N SER B 76 2.41 -30.42 -16.97
CA SER B 76 2.92 -29.85 -15.73
C SER B 76 1.81 -29.40 -14.77
N ASN B 77 0.54 -29.61 -15.14
CA ASN B 77 -0.59 -29.22 -14.31
C ASN B 77 -0.55 -27.73 -13.95
N THR B 78 -0.23 -26.90 -14.93
CA THR B 78 0.05 -25.50 -14.69
C THR B 78 -0.79 -24.63 -15.62
N ALA B 79 -1.38 -23.58 -15.06
CA ALA B 79 -2.06 -22.54 -15.82
C ALA B 79 -1.11 -21.36 -15.98
N PHE B 80 -1.29 -20.60 -17.06
CA PHE B 80 -0.42 -19.48 -17.36
C PHE B 80 -1.25 -18.25 -17.67
N LEU B 81 -0.76 -17.10 -17.22
CA LEU B 81 -1.24 -15.82 -17.65
C LEU B 81 -0.22 -15.27 -18.63
N LEU B 82 -0.66 -14.93 -19.84
CA LEU B 82 0.21 -14.46 -20.91
C LEU B 82 -0.04 -12.98 -21.15
N ILE B 83 1.00 -12.16 -21.01
CA ILE B 83 0.90 -10.71 -21.25
C ILE B 83 1.81 -10.35 -22.41
N SER B 84 1.20 -10.07 -23.57
CA SER B 84 1.94 -9.67 -24.76
C SER B 84 2.19 -8.16 -24.78
N GLY B 85 3.07 -7.75 -25.69
CA GLY B 85 3.39 -6.35 -25.92
C GLY B 85 3.61 -5.59 -24.63
N LEU B 86 4.60 -6.04 -23.85
CA LEU B 86 4.74 -5.58 -22.48
C LEU B 86 5.06 -4.09 -22.42
N GLN B 87 4.40 -3.41 -21.50
CA GLN B 87 4.60 -2.01 -21.17
C GLN B 87 4.92 -1.87 -19.69
N PRO B 88 5.52 -0.74 -19.27
CA PRO B 88 5.80 -0.57 -17.84
C PRO B 88 4.57 -0.65 -16.94
N GLU B 89 3.41 -0.18 -17.40
CA GLU B 89 2.20 -0.25 -16.58
C GLU B 89 1.76 -1.68 -16.30
N ASP B 90 2.40 -2.67 -16.91
CA ASP B 90 2.08 -4.05 -16.60
C ASP B 90 2.75 -4.52 -15.32
N GLU B 91 3.75 -3.78 -14.82
CA GLU B 91 4.43 -4.15 -13.59
C GLU B 91 3.45 -4.14 -12.42
N ALA B 92 3.32 -5.28 -11.76
CA ALA B 92 2.34 -5.47 -10.72
C ALA B 92 2.54 -6.83 -10.07
N ASP B 93 1.75 -7.12 -9.04
CA ASP B 93 1.64 -8.44 -8.45
C ASP B 93 0.47 -9.16 -9.11
N TYR B 94 0.68 -10.41 -9.50
CA TYR B 94 -0.38 -11.20 -10.13
C TYR B 94 -0.66 -12.42 -9.28
N TYR B 95 -1.89 -12.56 -8.83
CA TYR B 95 -2.33 -13.71 -8.04
C TYR B 95 -3.24 -14.59 -8.87
N CYS B 96 -2.95 -15.89 -8.92
CA CYS B 96 -3.89 -16.85 -9.44
C CYS B 96 -4.75 -17.41 -8.30
N GLN B 97 -5.88 -17.99 -8.69
CA GLN B 97 -6.93 -18.36 -7.75
C GLN B 97 -7.78 -19.43 -8.41
N VAL B 98 -8.17 -20.43 -7.63
CA VAL B 98 -9.27 -21.32 -7.97
C VAL B 98 -10.18 -21.38 -6.76
N TYR B 99 -11.31 -22.05 -6.92
CA TYR B 99 -12.23 -22.30 -5.82
C TYR B 99 -12.40 -23.81 -5.67
N ASP B 100 -12.61 -24.25 -4.43
CA ASP B 100 -12.80 -25.67 -4.15
C ASP B 100 -14.29 -26.02 -4.27
N GLY B 101 -14.67 -27.23 -3.84
CA GLY B 101 -16.02 -27.70 -4.07
C GLY B 101 -17.10 -26.94 -3.33
N SER B 102 -16.74 -26.21 -2.27
CA SER B 102 -17.68 -25.40 -1.51
C SER B 102 -17.52 -23.92 -1.83
N ALA B 103 -16.85 -23.59 -2.94
CA ALA B 103 -16.58 -22.24 -3.38
C ALA B 103 -15.65 -21.49 -2.44
N ASN B 104 -14.82 -22.20 -1.67
CA ASN B 104 -13.76 -21.58 -0.88
C ASN B 104 -12.62 -21.11 -1.79
N ASP B 105 -12.15 -19.89 -1.56
CA ASP B 105 -11.05 -19.34 -2.34
C ASP B 105 -9.76 -20.11 -2.05
N VAL B 106 -8.95 -20.33 -3.09
CA VAL B 106 -7.56 -20.80 -2.96
C VAL B 106 -6.70 -19.86 -3.79
N PHE B 107 -5.69 -19.26 -3.17
CA PHE B 107 -4.82 -18.27 -3.82
C PHE B 107 -3.38 -18.78 -3.90
N GLY B 108 -2.74 -18.52 -5.05
CA GLY B 108 -1.29 -18.54 -5.11
C GLY B 108 -0.70 -17.36 -4.37
N SER B 109 0.60 -17.41 -4.17
CA SER B 109 1.27 -16.40 -3.36
C SER B 109 1.63 -15.14 -4.13
N GLY B 110 1.39 -15.12 -5.45
CA GLY B 110 1.65 -13.94 -6.25
C GLY B 110 3.00 -13.95 -6.94
N THR B 111 3.06 -13.45 -8.17
CA THR B 111 4.30 -13.21 -8.88
C THR B 111 4.43 -11.71 -9.14
N LYS B 112 5.53 -11.12 -8.68
CA LYS B 112 5.83 -9.72 -9.00
C LYS B 112 6.52 -9.66 -10.35
N LEU B 113 5.88 -9.00 -11.32
CA LEU B 113 6.36 -8.95 -12.68
C LEU B 113 7.14 -7.66 -12.92
N THR B 114 8.36 -7.82 -13.42
CA THR B 114 9.24 -6.72 -13.80
C THR B 114 9.32 -6.64 -15.32
N VAL B 115 9.14 -5.45 -15.87
CA VAL B 115 9.33 -5.22 -17.30
C VAL B 115 10.71 -4.60 -17.48
N LEU B 116 11.57 -5.28 -18.25
CA LEU B 116 12.97 -4.90 -18.40
C LEU B 116 13.11 -3.66 -19.29
N GLY B 117 14.29 -3.06 -19.23
CA GLY B 117 14.61 -1.93 -20.09
C GLY B 117 14.07 -0.59 -19.62
N GLN B 118 13.57 -0.48 -18.40
CA GLN B 118 13.19 0.83 -17.91
C GLN B 118 14.44 1.69 -17.80
N PRO B 119 14.43 2.93 -18.30
CA PRO B 119 15.65 3.74 -18.27
C PRO B 119 16.06 4.08 -16.84
N LYS B 120 17.37 4.11 -16.61
CA LYS B 120 17.90 4.54 -15.33
C LYS B 120 17.43 5.96 -15.00
N ALA B 121 17.17 6.21 -13.71
CA ALA B 121 16.65 7.50 -13.27
C ALA B 121 17.30 7.89 -11.95
N ALA B 122 18.00 9.01 -11.93
CA ALA B 122 18.64 9.46 -10.71
C ALA B 122 17.59 9.98 -9.73
N PRO B 123 17.80 9.81 -8.43
CA PRO B 123 16.80 10.24 -7.45
C PRO B 123 16.75 11.75 -7.34
N SER B 124 15.54 12.27 -7.16
CA SER B 124 15.35 13.62 -6.69
C SER B 124 15.32 13.60 -5.16
N VAL B 125 16.02 14.54 -4.54
CA VAL B 125 16.23 14.52 -3.09
C VAL B 125 15.85 15.87 -2.49
N THR B 126 15.05 15.85 -1.42
CA THR B 126 14.70 17.07 -0.69
C THR B 126 14.99 16.84 0.78
N LEU B 127 15.82 17.71 1.37
CA LEU B 127 16.17 17.62 2.78
C LEU B 127 15.48 18.76 3.53
N PHE B 128 14.69 18.41 4.55
CA PHE B 128 14.12 19.45 5.38
C PHE B 128 14.79 19.50 6.75
N PRO B 129 15.07 20.67 7.29
CA PRO B 129 15.62 20.77 8.63
C PRO B 129 14.52 20.65 9.67
N PRO B 130 14.86 20.49 10.95
CA PRO B 130 13.83 20.57 11.98
C PRO B 130 13.09 21.91 11.90
N SER B 131 11.78 21.86 12.13
CA SER B 131 10.99 23.06 12.23
C SER B 131 11.24 23.75 13.57
N SER B 132 10.82 25.02 13.66
CA SER B 132 10.90 25.73 14.92
C SER B 132 9.94 25.15 15.96
N GLU B 133 8.76 24.71 15.53
CA GLU B 133 7.83 24.05 16.45
C GLU B 133 8.46 22.82 17.10
N GLU B 134 9.16 22.00 16.31
CA GLU B 134 9.75 20.79 16.86
C GLU B 134 10.91 21.11 17.77
N LEU B 135 11.71 22.13 17.44
CA LEU B 135 12.81 22.54 18.31
C LEU B 135 12.31 23.04 19.66
N GLN B 136 11.13 23.68 19.70
CA GLN B 136 10.55 24.07 20.98
C GLN B 136 10.36 22.85 21.87
N ALA B 137 9.92 21.74 21.29
CA ALA B 137 9.78 20.47 22.00
C ALA B 137 11.10 19.77 22.23
N ASN B 138 12.21 20.51 22.06
CA ASN B 138 13.56 20.04 22.33
C ASN B 138 13.92 18.81 21.50
N LYS B 139 13.19 18.59 20.41
CA LYS B 139 13.48 17.53 19.47
C LYS B 139 13.83 18.13 18.12
N ALA B 140 14.44 17.32 17.27
CA ALA B 140 14.83 17.76 15.94
C ALA B 140 14.88 16.55 15.04
N THR B 141 14.04 16.55 14.01
CA THR B 141 14.02 15.49 13.01
C THR B 141 14.42 16.10 11.67
N LEU B 142 15.46 15.56 11.07
CA LEU B 142 15.82 15.90 9.69
C LEU B 142 15.11 14.91 8.77
N VAL B 143 14.49 15.43 7.71
CA VAL B 143 13.67 14.62 6.82
C VAL B 143 14.32 14.64 5.44
N CYS B 144 14.78 13.49 4.99
CA CYS B 144 15.38 13.35 3.67
C CYS B 144 14.44 12.51 2.81
N LEU B 145 13.86 13.16 1.80
CA LEU B 145 12.84 12.55 0.94
C LEU B 145 13.45 12.32 -0.45
N ILE B 146 13.29 11.09 -0.94
CA ILE B 146 14.00 10.62 -2.13
C ILE B 146 12.96 10.00 -3.05
N SER B 147 12.88 10.49 -4.29
CA SER B 147 11.86 10.00 -5.20
C SER B 147 12.36 9.92 -6.64
N ASP B 148 11.54 9.28 -7.48
CA ASP B 148 11.75 9.20 -8.93
C ASP B 148 13.05 8.50 -9.30
N PHE B 149 13.53 7.55 -8.50
CA PHE B 149 14.74 6.84 -8.88
C PHE B 149 14.40 5.45 -9.40
N TYR B 150 15.24 4.95 -10.30
CA TYR B 150 15.14 3.60 -10.84
C TYR B 150 16.51 3.12 -11.31
N PRO B 151 16.92 1.88 -10.96
CA PRO B 151 16.22 0.84 -10.20
C PRO B 151 15.99 1.21 -8.73
N GLY B 152 15.26 0.35 -8.02
CA GLY B 152 14.79 0.68 -6.68
C GLY B 152 15.72 0.27 -5.57
N ALA B 153 17.01 0.51 -5.76
CA ALA B 153 18.01 0.28 -4.74
C ALA B 153 18.71 1.60 -4.47
N VAL B 154 18.87 1.92 -3.20
CA VAL B 154 19.40 3.22 -2.83
C VAL B 154 20.14 3.07 -1.49
N GLU B 155 21.23 3.82 -1.34
CA GLU B 155 21.99 3.82 -0.10
C GLU B 155 22.00 5.23 0.45
N VAL B 156 21.70 5.37 1.74
CA VAL B 156 21.56 6.66 2.39
C VAL B 156 22.58 6.78 3.51
N ALA B 157 23.31 7.88 3.52
CA ALA B 157 24.26 8.14 4.59
C ALA B 157 24.09 9.58 5.03
N TRP B 158 24.10 9.78 6.34
CA TRP B 158 24.05 11.10 6.96
C TRP B 158 25.44 11.50 7.42
N LYS B 159 25.75 12.78 7.26
CA LYS B 159 27.01 13.36 7.73
C LYS B 159 26.68 14.55 8.61
N ALA B 160 27.48 14.74 9.66
CA ALA B 160 27.45 15.95 10.46
C ALA B 160 28.86 16.53 10.45
N ASP B 161 28.99 17.75 9.93
CA ASP B 161 30.30 18.39 9.76
C ASP B 161 31.30 17.43 9.12
N GLY B 162 30.86 16.78 8.04
CA GLY B 162 31.69 15.86 7.29
C GLY B 162 31.96 14.52 7.94
N SER B 163 31.50 14.29 9.16
CA SER B 163 31.67 13.01 9.82
C SER B 163 30.41 12.18 9.70
N ALA B 164 30.58 10.88 9.49
CA ALA B 164 29.46 9.97 9.40
C ALA B 164 28.61 10.04 10.66
N VAL B 165 27.29 9.95 10.48
CA VAL B 165 26.34 9.84 11.59
C VAL B 165 25.70 8.46 11.50
N ASN B 166 25.83 7.68 12.57
CA ASN B 166 25.27 6.33 12.61
C ASN B 166 24.02 6.21 13.47
N ALA B 167 23.96 6.94 14.58
CA ALA B 167 22.83 6.82 15.49
C ALA B 167 21.66 7.68 15.03
N GLY B 168 20.45 7.26 15.40
CA GLY B 168 19.24 8.02 15.15
C GLY B 168 18.74 7.99 13.72
N VAL B 169 19.20 7.06 12.90
CA VAL B 169 18.87 7.03 11.47
C VAL B 169 17.93 5.87 11.21
N GLU B 170 16.79 6.17 10.59
CA GLU B 170 15.83 5.15 10.14
C GLU B 170 15.44 5.47 8.71
N THR B 171 15.70 4.54 7.80
CA THR B 171 15.43 4.70 6.38
C THR B 171 14.42 3.65 5.95
N THR B 172 13.47 4.05 5.12
CA THR B 172 12.47 3.12 4.61
C THR B 172 13.06 2.26 3.49
N LYS B 173 12.49 1.07 3.33
CA LYS B 173 12.64 0.34 2.08
C LYS B 173 12.14 1.19 0.93
N PRO B 174 12.75 1.07 -0.24
CA PRO B 174 12.17 1.71 -1.43
C PRO B 174 10.80 1.11 -1.74
N SER B 175 9.89 1.95 -2.20
CA SER B 175 8.55 1.51 -2.55
C SER B 175 8.20 2.06 -3.92
N LYS B 176 7.57 1.21 -4.70
CA LYS B 176 7.28 1.54 -6.10
C LYS B 176 6.21 2.62 -6.15
N GLN B 177 6.50 3.71 -6.86
CA GLN B 177 5.53 4.78 -7.09
C GLN B 177 4.64 4.43 -8.29
N SER B 178 3.60 5.26 -8.48
CA SER B 178 2.65 5.01 -9.55
C SER B 178 3.29 5.07 -10.93
N ASN B 179 4.31 5.92 -11.11
CA ASN B 179 4.95 6.01 -12.42
C ASN B 179 6.04 4.95 -12.61
N ASN B 180 6.12 3.96 -11.71
CA ASN B 180 7.02 2.82 -11.74
C ASN B 180 8.45 3.17 -11.37
N LYS B 181 8.73 4.41 -11.00
CA LYS B 181 9.97 4.72 -10.29
C LYS B 181 9.79 4.43 -8.80
N TYR B 182 10.82 4.68 -8.01
CA TYR B 182 10.78 4.29 -6.61
C TYR B 182 10.90 5.52 -5.70
N ALA B 183 10.38 5.37 -4.49
CA ALA B 183 10.45 6.40 -3.47
C ALA B 183 11.01 5.80 -2.19
N ALA B 184 11.67 6.64 -1.41
CA ALA B 184 12.13 6.26 -0.08
C ALA B 184 12.34 7.54 0.71
N SER B 185 12.50 7.37 2.02
CA SER B 185 12.75 8.52 2.87
C SER B 185 13.61 8.09 4.03
N SER B 186 14.33 9.05 4.60
CA SER B 186 15.21 8.75 5.71
C SER B 186 15.06 9.84 6.76
N TYR B 187 15.11 9.42 8.02
CA TYR B 187 14.89 10.30 9.14
C TYR B 187 16.10 10.25 10.05
N LEU B 188 16.69 11.40 10.33
CA LEU B 188 17.71 11.55 11.36
C LEU B 188 17.06 12.22 12.56
N SER B 189 16.86 11.46 13.64
CA SER B 189 16.18 11.97 14.83
C SER B 189 17.21 12.42 15.87
N LEU B 190 17.09 13.66 16.32
CA LEU B 190 18.10 14.28 17.15
C LEU B 190 17.44 15.05 18.27
N THR B 191 18.23 15.35 19.29
CA THR B 191 17.84 16.33 20.28
C THR B 191 18.14 17.72 19.75
N SER B 192 17.38 18.70 20.23
CA SER B 192 17.63 20.09 19.86
C SER B 192 19.08 20.46 20.08
N ASP B 193 19.68 20.03 21.19
CA ASP B 193 21.04 20.41 21.49
C ASP B 193 22.04 19.74 20.54
N GLN B 194 21.78 18.48 20.17
CA GLN B 194 22.64 17.85 19.18
C GLN B 194 22.59 18.60 17.86
N TRP B 195 21.39 19.03 17.45
CA TRP B 195 21.21 19.74 16.19
C TRP B 195 21.94 21.08 16.21
N LYS B 196 22.00 21.75 17.36
CA LYS B 196 22.68 23.03 17.45
C LYS B 196 24.20 22.91 17.47
N SER B 197 24.73 21.74 17.83
CA SER B 197 26.16 21.57 18.08
C SER B 197 26.98 21.35 16.81
N HIS B 198 26.37 21.42 15.63
CA HIS B 198 27.09 21.22 14.37
C HIS B 198 26.71 22.31 13.37
N LYS B 199 27.66 22.66 12.50
CA LYS B 199 27.40 23.73 11.55
C LYS B 199 26.58 23.27 10.36
N SER B 200 26.63 21.99 9.99
CA SER B 200 25.74 21.51 8.94
C SER B 200 25.50 20.01 9.07
N TYR B 201 24.40 19.58 8.49
CA TYR B 201 24.05 18.17 8.35
C TYR B 201 23.82 17.86 6.88
N SER B 202 24.16 16.64 6.48
CA SER B 202 24.06 16.27 5.08
C SER B 202 23.37 14.92 4.95
N CYS B 203 22.48 14.82 3.96
CA CYS B 203 21.88 13.56 3.53
C CYS B 203 22.47 13.21 2.17
N GLN B 204 23.19 12.09 2.11
CA GLN B 204 23.86 11.64 0.91
C GLN B 204 23.16 10.40 0.39
N VAL B 205 22.70 10.46 -0.84
CA VAL B 205 21.94 9.37 -1.43
C VAL B 205 22.72 8.83 -2.61
N THR B 206 23.17 7.59 -2.49
CA THR B 206 23.94 6.93 -3.53
C THR B 206 23.03 6.00 -4.32
N HIS B 207 23.09 6.08 -5.65
CA HIS B 207 22.22 5.32 -6.53
C HIS B 207 23.03 4.87 -7.75
N GLU B 208 23.32 3.57 -7.83
CA GLU B 208 24.10 3.01 -8.92
C GLU B 208 25.39 3.80 -9.14
N GLY B 209 26.14 4.00 -8.05
CA GLY B 209 27.43 4.62 -8.11
C GLY B 209 27.45 6.14 -8.14
N SER B 210 26.30 6.79 -8.32
CA SER B 210 26.21 8.26 -8.35
C SER B 210 25.60 8.74 -7.05
N THR B 211 26.19 9.77 -6.45
CA THR B 211 25.75 10.28 -5.16
C THR B 211 25.15 11.68 -5.35
N VAL B 212 23.90 11.83 -4.92
CA VAL B 212 23.24 13.12 -4.83
C VAL B 212 23.21 13.52 -3.37
N GLU B 213 23.59 14.77 -3.06
CA GLU B 213 23.76 15.22 -1.69
C GLU B 213 23.02 16.53 -1.42
N LYS B 214 22.29 16.58 -0.31
CA LYS B 214 21.64 17.80 0.15
C LYS B 214 22.11 18.12 1.57
N THR B 215 22.20 19.41 1.87
CA THR B 215 22.81 19.90 3.10
C THR B 215 21.88 20.90 3.76
N VAL B 216 21.92 20.93 5.09
CA VAL B 216 21.09 21.81 5.89
C VAL B 216 21.92 22.30 7.08
N ALA B 217 21.75 23.59 7.42
CA ALA B 217 22.62 24.26 8.38
C ALA B 217 21.80 24.82 9.53
N PRO B 218 22.19 24.55 10.78
CA PRO B 218 21.40 25.05 11.91
C PRO B 218 21.45 26.54 12.09
N ALA B 219 22.30 27.26 11.36
CA ALA B 219 22.32 28.72 11.48
C ALA B 219 20.96 29.32 11.13
N GLU B 220 20.39 28.90 10.01
CA GLU B 220 19.09 29.38 9.55
C GLU B 220 19.05 30.91 9.51
P PO4 C . -14.19 -25.48 -11.04
O1 PO4 C . -13.00 -24.56 -11.10
O2 PO4 C . -15.44 -24.67 -10.80
O3 PO4 C . -14.29 -26.22 -12.36
O4 PO4 C . -14.01 -26.47 -9.90
#